data_4WY9
#
_entry.id   4WY9
#
_cell.length_a   39.260
_cell.length_b   43.320
_cell.length_c   50.900
_cell.angle_alpha   92.520
_cell.angle_beta   111.380
_cell.angle_gamma   114.730
#
_symmetry.space_group_name_H-M   'P 1'
#
loop_
_entity.id
_entity.type
_entity.pdbx_description
1 polymer 'Putative MCP-type signal transduction protein'
2 non-polymer 'ACETATE ION'
3 non-polymer 'CHLORIDE ION'
4 water water
#
_entity_poly.entity_id   1
_entity_poly.type   'polypeptide(L)'
_entity_poly.pdbx_seq_one_letter_code
;TKQVSQNITKNTEDILASITKEYATQTQGIFGEMIALNKSISGTLTEMFRSTSKEDLDIDNITNIITNTFDNSAYSNFTY
LYLIDPPEYFKEESKFFNTQSGKFVMLYADEEKDNKGGIKAIQASDEIANLQVVQDILKKAKYGENKVYIGRPIKMNLEG
QDFDAVNVAIPIFDRKNQVVGVIGMTLDFSDIATYLLDPKGQKYDGELRVLLNSDGFMAIHPNKNLVLKNLKDINPNKGA
QETYKAISEGKNGVFNYIASDGDDSYAAINSFKVQDSSWAVLVTAPKYSVFKPLKKL
;
_entity_poly.pdbx_strand_id   A
#
loop_
_chem_comp.id
_chem_comp.type
_chem_comp.name
_chem_comp.formula
ACT non-polymer 'ACETATE ION' 'C2 H3 O2 -1'
CL non-polymer 'CHLORIDE ION' 'Cl -1'
#
# COMPACT_ATOMS: atom_id res chain seq x y z
N ASN A 7 -19.84 -32.30 6.15
CA ASN A 7 -20.70 -31.15 6.27
C ASN A 7 -20.02 -29.85 6.73
N ILE A 8 -19.90 -29.65 8.04
N ILE A 8 -19.89 -29.66 8.04
CA ILE A 8 -19.42 -28.37 8.59
CA ILE A 8 -19.41 -28.39 8.60
C ILE A 8 -17.97 -28.10 8.18
C ILE A 8 -17.97 -28.10 8.21
N THR A 9 -17.09 -29.10 8.26
CA THR A 9 -15.70 -28.88 7.89
C THR A 9 -15.57 -28.44 6.43
N LYS A 10 -16.16 -29.21 5.54
CA LYS A 10 -16.08 -28.91 4.10
C LYS A 10 -16.70 -27.55 3.81
N ASN A 11 -17.88 -27.30 4.38
N ASN A 11 -17.87 -27.31 4.40
CA ASN A 11 -18.57 -26.04 4.16
CA ASN A 11 -18.54 -26.05 4.14
C ASN A 11 -17.74 -24.85 4.68
C ASN A 11 -17.74 -24.85 4.68
N THR A 12 -17.12 -25.04 5.84
CA THR A 12 -16.34 -23.98 6.44
C THR A 12 -15.15 -23.65 5.56
N GLU A 13 -14.48 -24.69 5.07
CA GLU A 13 -13.35 -24.50 4.16
C GLU A 13 -13.80 -23.70 2.93
N ASP A 14 -14.94 -24.06 2.37
CA ASP A 14 -15.40 -23.39 1.17
C ASP A 14 -15.79 -21.95 1.48
N ILE A 15 -16.41 -21.74 2.61
CA ILE A 15 -16.80 -20.39 3.04
C ILE A 15 -15.56 -19.53 3.22
N LEU A 16 -14.56 -20.05 3.89
CA LEU A 16 -13.34 -19.27 4.13
C LEU A 16 -12.63 -18.93 2.79
N ALA A 17 -12.60 -19.88 1.86
CA ALA A 17 -12.01 -19.59 0.55
C ALA A 17 -12.77 -18.46 -0.15
N SER A 18 -14.10 -18.47 -0.03
N SER A 18 -14.09 -18.45 -0.02
CA SER A 18 -14.92 -17.45 -0.67
CA SER A 18 -14.89 -17.42 -0.70
C SER A 18 -14.68 -16.06 -0.04
C SER A 18 -14.70 -16.04 -0.04
N ILE A 19 -14.62 -16.04 1.29
CA ILE A 19 -14.45 -14.79 2.03
C ILE A 19 -13.10 -14.17 1.67
N THR A 20 -12.06 -14.98 1.64
CA THR A 20 -10.71 -14.46 1.34
C THR A 20 -10.64 -13.97 -0.10
N LYS A 21 -11.27 -14.70 -1.02
CA LYS A 21 -11.29 -14.28 -2.43
C LYS A 21 -11.91 -12.92 -2.57
N GLU A 22 -13.04 -12.71 -1.90
N GLU A 22 -13.03 -12.71 -1.90
N GLU A 22 -13.03 -12.69 -1.90
CA GLU A 22 -13.75 -11.43 -1.96
CA GLU A 22 -13.72 -11.41 -1.99
CA GLU A 22 -13.70 -11.39 -2.03
C GLU A 22 -12.87 -10.27 -1.44
C GLU A 22 -12.85 -10.28 -1.45
C GLU A 22 -12.84 -10.26 -1.44
N TYR A 23 -12.23 -10.49 -0.29
CA TYR A 23 -11.38 -9.45 0.30
C TYR A 23 -10.16 -9.21 -0.59
N ALA A 24 -9.58 -10.27 -1.13
CA ALA A 24 -8.43 -10.12 -2.03
C ALA A 24 -8.79 -9.32 -3.27
N THR A 25 -9.93 -9.65 -3.88
CA THR A 25 -10.35 -8.97 -5.07
C THR A 25 -10.54 -7.47 -4.83
N GLN A 26 -11.18 -7.13 -3.74
CA GLN A 26 -11.43 -5.74 -3.41
C GLN A 26 -10.11 -5.00 -3.17
N THR A 27 -9.20 -5.63 -2.46
CA THR A 27 -7.90 -5.01 -2.16
C THR A 27 -7.06 -4.83 -3.42
N GLN A 28 -7.04 -5.85 -4.28
CA GLN A 28 -6.31 -5.80 -5.54
C GLN A 28 -6.85 -4.67 -6.39
N GLY A 29 -8.17 -4.47 -6.37
CA GLY A 29 -8.76 -3.41 -7.16
C GLY A 29 -8.35 -2.02 -6.70
N ILE A 30 -8.28 -1.83 -5.39
CA ILE A 30 -7.86 -0.55 -4.84
C ILE A 30 -6.42 -0.25 -5.22
N PHE A 31 -5.53 -1.24 -5.08
CA PHE A 31 -4.14 -1.05 -5.52
C PHE A 31 -4.14 -0.69 -7.00
N GLY A 32 -4.92 -1.40 -7.81
CA GLY A 32 -4.91 -1.18 -9.25
C GLY A 32 -5.33 0.22 -9.61
N GLU A 33 -6.33 0.75 -8.92
CA GLU A 33 -6.79 2.11 -9.16
C GLU A 33 -5.68 3.10 -8.82
N MET A 34 -5.04 2.93 -7.67
CA MET A 34 -3.97 3.84 -7.28
C MET A 34 -2.86 3.82 -8.28
N ILE A 35 -2.45 2.63 -8.69
CA ILE A 35 -1.34 2.48 -9.62
C ILE A 35 -1.66 3.10 -10.98
N ALA A 36 -2.89 2.95 -11.45
CA ALA A 36 -3.25 3.54 -12.73
C ALA A 36 -3.14 5.07 -12.66
N LEU A 37 -3.54 5.66 -11.53
CA LEU A 37 -3.42 7.10 -11.41
C LEU A 37 -1.94 7.49 -11.39
N ASN A 38 -1.13 6.76 -10.61
CA ASN A 38 0.29 7.10 -10.50
C ASN A 38 0.93 7.03 -11.86
N LYS A 39 0.60 6.00 -12.64
CA LYS A 39 1.17 5.85 -13.98
C LYS A 39 0.77 7.00 -14.87
N SER A 40 -0.45 7.49 -14.71
N SER A 40 -0.46 7.45 -14.73
CA SER A 40 -0.94 8.58 -15.58
CA SER A 40 -0.95 8.57 -15.56
C SER A 40 -0.22 9.89 -15.27
C SER A 40 -0.08 9.80 -15.28
N ILE A 41 0.08 10.14 -14.01
CA ILE A 41 0.78 11.37 -13.65
C ILE A 41 2.27 11.23 -13.96
N SER A 42 2.86 10.05 -13.75
CA SER A 42 4.27 9.87 -14.07
C SER A 42 4.48 10.06 -15.59
N GLY A 43 3.54 9.58 -16.40
CA GLY A 43 3.66 9.76 -17.83
C GLY A 43 3.64 11.22 -18.21
N THR A 44 2.69 11.95 -17.65
CA THR A 44 2.54 13.36 -17.96
C THR A 44 3.75 14.16 -17.47
N LEU A 45 4.24 13.87 -16.29
CA LEU A 45 5.40 14.59 -15.77
C LEU A 45 6.69 14.26 -16.54
N THR A 46 6.89 13.00 -16.91
CA THR A 46 8.07 12.67 -17.69
C THR A 46 8.00 13.36 -19.07
N GLU A 47 6.83 13.40 -19.69
CA GLU A 47 6.71 14.11 -20.96
C GLU A 47 7.10 15.58 -20.75
N MET A 48 6.67 16.18 -19.65
CA MET A 48 7.02 17.56 -19.34
C MET A 48 8.52 17.72 -19.17
N PHE A 49 9.14 16.86 -18.35
CA PHE A 49 10.55 17.05 -18.00
C PHE A 49 11.45 16.66 -19.16
N ARG A 50 10.92 15.88 -20.12
CA ARG A 50 11.66 15.59 -21.35
C ARG A 50 11.56 16.74 -22.36
N SER A 51 10.43 17.43 -22.39
CA SER A 51 10.16 18.43 -23.42
C SER A 51 10.45 19.85 -22.99
N THR A 52 10.68 20.07 -21.69
CA THR A 52 10.79 21.42 -21.15
C THR A 52 12.17 21.59 -20.55
N SER A 53 12.87 22.64 -20.98
N SER A 53 12.87 22.64 -20.98
CA SER A 53 14.16 22.91 -20.41
CA SER A 53 14.14 22.93 -20.41
C SER A 53 14.01 23.28 -18.95
C SER A 53 13.99 23.26 -18.94
N LYS A 54 15.04 23.02 -18.15
CA LYS A 54 15.01 23.37 -16.74
C LYS A 54 14.67 24.87 -16.56
N GLU A 55 15.18 25.72 -17.43
N GLU A 55 15.18 25.70 -17.44
N GLU A 55 15.17 25.73 -17.43
CA GLU A 55 14.92 27.16 -17.32
CA GLU A 55 14.95 27.15 -17.39
CA GLU A 55 14.93 27.15 -17.31
C GLU A 55 13.47 27.51 -17.55
C GLU A 55 13.48 27.51 -17.57
C GLU A 55 13.47 27.51 -17.55
N ASP A 56 12.73 26.62 -18.22
CA ASP A 56 11.34 26.89 -18.55
C ASP A 56 10.37 26.10 -17.67
N LEU A 57 10.88 25.37 -16.68
CA LEU A 57 9.99 24.58 -15.83
C LEU A 57 9.07 25.49 -15.05
N ASP A 58 7.79 25.11 -15.00
CA ASP A 58 6.68 25.94 -14.53
C ASP A 58 6.02 25.27 -13.35
N ILE A 59 6.20 25.85 -12.15
N ILE A 59 6.20 25.81 -12.14
CA ILE A 59 5.71 25.24 -10.94
CA ILE A 59 5.71 25.13 -10.96
C ILE A 59 4.20 25.05 -10.90
C ILE A 59 4.18 25.08 -10.87
N ASP A 60 3.45 26.04 -11.42
N ASP A 60 3.50 26.03 -11.51
CA ASP A 60 2.01 25.92 -11.46
CA ASP A 60 2.05 26.05 -11.54
C ASP A 60 1.54 24.85 -12.42
C ASP A 60 1.53 24.93 -12.44
N ASN A 61 2.22 24.66 -13.54
CA ASN A 61 1.87 23.57 -14.44
C ASN A 61 2.00 22.24 -13.73
N ILE A 62 3.08 22.08 -12.97
CA ILE A 62 3.29 20.85 -12.20
C ILE A 62 2.20 20.70 -11.14
N THR A 63 1.92 21.76 -10.39
CA THR A 63 0.91 21.73 -9.37
C THR A 63 -0.43 21.28 -9.90
N ASN A 64 -0.81 21.83 -11.05
CA ASN A 64 -2.13 21.54 -11.61
C ASN A 64 -2.21 20.11 -12.04
N ILE A 65 -1.13 19.54 -12.56
CA ILE A 65 -1.13 18.11 -12.93
C ILE A 65 -1.36 17.24 -11.69
N ILE A 66 -0.71 17.58 -10.58
CA ILE A 66 -0.92 16.82 -9.36
C ILE A 66 -2.33 16.96 -8.83
N THR A 67 -2.81 18.18 -8.69
CA THR A 67 -4.09 18.37 -8.04
C THR A 67 -5.24 17.89 -8.92
N ASN A 68 -5.13 18.00 -10.24
CA ASN A 68 -6.13 17.49 -11.14
C ASN A 68 -6.20 15.96 -11.09
N THR A 69 -5.07 15.31 -10.94
CA THR A 69 -4.97 13.86 -10.95
C THR A 69 -5.52 13.28 -9.69
N PHE A 70 -5.26 13.95 -8.56
CA PHE A 70 -5.62 13.42 -7.26
C PHE A 70 -6.82 14.09 -6.59
N ASP A 71 -7.59 14.84 -7.36
CA ASP A 71 -8.76 15.54 -6.83
C ASP A 71 -9.91 14.57 -6.48
N ASN A 72 -10.08 13.50 -7.26
CA ASN A 72 -11.33 12.70 -7.28
C ASN A 72 -11.43 11.57 -6.23
N SER A 73 -11.44 11.91 -4.95
CA SER A 73 -11.67 10.91 -3.90
C SER A 73 -10.84 9.60 -4.03
N ALA A 74 -9.53 9.74 -4.26
CA ALA A 74 -8.70 8.56 -4.39
C ALA A 74 -8.66 7.78 -3.06
N TYR A 75 -8.21 6.53 -3.15
CA TYR A 75 -7.84 5.75 -1.97
C TYR A 75 -6.51 6.19 -1.42
N SER A 76 -5.70 6.92 -2.20
CA SER A 76 -4.43 7.49 -1.71
C SER A 76 -4.74 8.60 -0.71
N ASN A 77 -4.18 8.46 0.45
CA ASN A 77 -4.30 9.43 1.51
C ASN A 77 -3.33 10.55 1.31
N PHE A 78 -2.18 10.23 0.71
CA PHE A 78 -1.21 11.26 0.39
C PHE A 78 -0.64 11.05 -1.00
N THR A 79 -0.23 12.15 -1.64
N THR A 79 -0.21 12.16 -1.60
CA THR A 79 0.48 12.06 -2.90
CA THR A 79 0.44 12.15 -2.89
C THR A 79 1.64 13.03 -2.86
C THR A 79 1.67 13.02 -2.77
N TYR A 80 2.77 12.60 -3.38
CA TYR A 80 4.00 13.40 -3.30
C TYR A 80 4.80 13.40 -4.57
N LEU A 81 5.41 14.56 -4.85
CA LEU A 81 6.39 14.72 -5.89
C LEU A 81 7.69 15.15 -5.25
N TYR A 82 8.71 14.31 -5.33
CA TYR A 82 10.06 14.61 -4.85
C TYR A 82 10.90 14.94 -6.07
N LEU A 83 11.51 16.12 -6.12
CA LEU A 83 12.43 16.46 -7.19
C LEU A 83 13.85 16.58 -6.63
N ILE A 84 14.81 15.91 -7.25
N ILE A 84 14.79 15.89 -7.26
CA ILE A 84 16.16 15.85 -6.73
CA ILE A 84 16.17 15.84 -6.80
C ILE A 84 16.95 17.14 -6.91
C ILE A 84 16.88 17.17 -6.87
N ASP A 85 16.66 17.90 -7.96
CA ASP A 85 17.43 19.11 -8.23
C ASP A 85 16.58 20.11 -9.00
N PRO A 86 15.51 20.62 -8.37
CA PRO A 86 14.62 21.52 -9.06
C PRO A 86 15.21 22.92 -9.27
N PRO A 87 14.61 23.71 -10.16
CA PRO A 87 14.89 25.15 -10.16
C PRO A 87 14.83 25.72 -8.76
N GLU A 88 15.74 26.60 -8.40
CA GLU A 88 15.79 27.13 -7.05
C GLU A 88 14.50 27.89 -6.69
N TYR A 89 13.82 28.49 -7.67
CA TYR A 89 12.63 29.24 -7.34
C TYR A 89 11.50 28.32 -6.82
N PHE A 90 11.54 27.05 -7.19
CA PHE A 90 10.57 26.10 -6.66
C PHE A 90 10.55 26.11 -5.12
N LYS A 91 11.74 26.11 -4.53
CA LYS A 91 11.86 26.04 -3.10
C LYS A 91 11.32 27.30 -2.43
N GLU A 92 11.44 28.42 -3.14
CA GLU A 92 11.00 29.70 -2.62
C GLU A 92 9.48 29.90 -2.72
N GLU A 93 8.78 28.99 -3.41
CA GLU A 93 7.35 29.17 -3.59
C GLU A 93 6.53 28.90 -2.36
N SER A 94 6.94 27.93 -1.55
CA SER A 94 6.23 27.60 -0.33
C SER A 94 7.13 26.88 0.66
N LYS A 95 7.05 27.27 1.94
N LYS A 95 7.05 27.27 1.94
CA LYS A 95 7.79 26.54 2.96
CA LYS A 95 7.79 26.54 2.96
C LYS A 95 7.36 25.09 3.06
C LYS A 95 7.36 25.10 3.04
N PHE A 96 6.13 24.80 2.63
CA PHE A 96 5.63 23.41 2.67
C PHE A 96 6.38 22.50 1.75
N PHE A 97 7.00 23.07 0.72
CA PHE A 97 7.72 22.26 -0.28
C PHE A 97 9.13 21.89 0.17
N ASN A 98 9.57 22.38 1.32
CA ASN A 98 10.93 22.16 1.76
C ASN A 98 10.98 21.27 3.00
N THR A 99 11.74 20.19 2.91
CA THR A 99 11.94 19.34 4.07
C THR A 99 12.93 19.99 5.02
N GLN A 100 13.15 19.38 6.16
CA GLN A 100 14.08 19.92 7.14
C GLN A 100 15.50 19.99 6.59
N SER A 101 15.85 19.10 5.66
CA SER A 101 17.18 19.09 5.07
C SER A 101 17.20 19.80 3.71
N GLY A 102 16.15 20.55 3.41
CA GLY A 102 16.12 21.36 2.20
C GLY A 102 15.84 20.61 0.93
N LYS A 103 15.34 19.38 1.05
CA LYS A 103 14.88 18.68 -0.13
C LYS A 103 13.54 19.20 -0.60
N PHE A 104 13.27 19.05 -1.88
CA PHE A 104 12.06 19.57 -2.48
C PHE A 104 11.02 18.46 -2.63
N VAL A 105 9.95 18.55 -1.84
CA VAL A 105 8.88 17.58 -1.85
C VAL A 105 7.55 18.31 -1.81
N MET A 106 6.73 18.13 -2.83
CA MET A 106 5.36 18.62 -2.84
C MET A 106 4.49 17.51 -2.31
N LEU A 107 3.96 17.67 -1.09
CA LEU A 107 3.19 16.66 -0.41
C LEU A 107 1.77 17.14 -0.24
N TYR A 108 0.79 16.32 -0.65
CA TYR A 108 -0.62 16.66 -0.59
C TYR A 108 -1.40 15.65 0.23
N ALA A 109 -2.34 16.15 1.04
CA ALA A 109 -3.30 15.37 1.77
C ALA A 109 -4.72 15.76 1.34
N ASP A 110 -5.71 14.99 1.77
N ASP A 110 -5.70 14.98 1.78
CA ASP A 110 -7.08 15.33 1.40
CA ASP A 110 -7.08 15.33 1.49
C ASP A 110 -7.53 16.55 2.23
C ASP A 110 -7.45 16.62 2.22
N GLU A 111 -8.29 17.45 1.60
CA GLU A 111 -8.89 18.59 2.31
C GLU A 111 -10.16 18.04 3.00
N GLU A 112 -11.10 17.60 2.15
CA GLU A 112 -12.39 17.03 2.59
C GLU A 112 -13.13 17.90 3.62
N GLY A 118 -10.88 16.53 -2.91
CA GLY A 118 -9.93 17.62 -3.10
C GLY A 118 -8.68 17.43 -2.26
N ILE A 119 -7.52 17.95 -2.75
CA ILE A 119 -6.29 17.83 -1.97
C ILE A 119 -5.63 19.15 -1.73
N LYS A 120 -4.85 19.22 -0.65
CA LYS A 120 -4.16 20.44 -0.28
C LYS A 120 -2.74 20.14 0.12
N ALA A 121 -1.85 21.08 -0.15
CA ALA A 121 -0.45 20.93 0.24
C ALA A 121 -0.33 20.97 1.76
N ILE A 122 0.51 20.09 2.29
CA ILE A 122 0.88 20.11 3.70
C ILE A 122 2.37 20.10 3.81
N GLN A 123 2.87 20.35 5.02
CA GLN A 123 4.31 20.44 5.21
C GLN A 123 5.00 19.15 4.82
N ALA A 124 5.94 19.21 3.88
CA ALA A 124 6.72 18.05 3.49
C ALA A 124 7.78 17.68 4.49
N SER A 125 8.16 16.42 4.49
CA SER A 125 9.08 15.88 5.43
C SER A 125 10.07 14.98 4.77
N ASP A 126 11.26 14.85 5.36
CA ASP A 126 12.26 13.93 4.86
C ASP A 126 11.83 12.47 4.95
N GLU A 127 10.77 12.19 5.70
CA GLU A 127 10.21 10.84 5.74
C GLU A 127 9.88 10.38 4.32
N ILE A 128 9.46 11.32 3.46
CA ILE A 128 9.12 10.98 2.09
C ILE A 128 10.40 10.67 1.28
N ALA A 129 11.38 11.54 1.37
CA ALA A 129 12.59 11.37 0.61
C ALA A 129 13.35 10.12 0.99
N ASN A 130 13.21 9.69 2.24
CA ASN A 130 13.91 8.53 2.75
C ASN A 130 13.16 7.20 2.67
N LEU A 131 11.97 7.23 2.03
CA LEU A 131 11.23 5.99 1.83
C LEU A 131 12.07 4.98 1.05
N GLN A 132 11.95 3.71 1.40
CA GLN A 132 12.65 2.67 0.66
C GLN A 132 12.33 2.69 -0.86
N VAL A 133 11.07 2.89 -1.22
CA VAL A 133 10.74 2.90 -2.65
C VAL A 133 11.45 4.06 -3.35
N VAL A 134 11.57 5.20 -2.68
CA VAL A 134 12.24 6.35 -3.26
C VAL A 134 13.72 6.05 -3.43
N GLN A 135 14.34 5.48 -2.40
CA GLN A 135 15.75 5.16 -2.48
C GLN A 135 16.02 4.12 -3.55
N ASP A 136 15.15 3.12 -3.65
CA ASP A 136 15.31 2.10 -4.69
C ASP A 136 15.21 2.71 -6.07
N ILE A 137 14.27 3.63 -6.28
CA ILE A 137 14.14 4.28 -7.58
C ILE A 137 15.42 5.04 -7.91
N LEU A 138 15.90 5.86 -6.98
CA LEU A 138 17.09 6.68 -7.25
C LEU A 138 18.27 5.80 -7.62
N LYS A 139 18.38 4.65 -6.97
CA LYS A 139 19.52 3.75 -7.20
C LYS A 139 19.38 2.90 -8.47
N LYS A 140 18.17 2.44 -8.77
CA LYS A 140 17.98 1.37 -9.75
C LYS A 140 17.17 1.71 -10.98
N ALA A 141 16.34 2.76 -10.92
CA ALA A 141 15.42 3.01 -12.01
C ALA A 141 16.15 3.41 -13.29
N LYS A 142 15.71 2.87 -14.41
CA LYS A 142 16.28 3.15 -15.72
C LYS A 142 15.20 3.52 -16.71
N TYR A 143 15.45 4.52 -17.54
CA TYR A 143 14.48 4.93 -18.53
C TYR A 143 14.17 3.81 -19.48
N GLY A 144 12.87 3.63 -19.76
CA GLY A 144 12.43 2.58 -20.62
C GLY A 144 11.79 1.44 -19.87
N GLU A 145 12.03 1.36 -18.56
N GLU A 145 12.00 1.36 -18.55
CA GLU A 145 11.38 0.37 -17.74
CA GLU A 145 11.83 0.12 -17.77
C GLU A 145 9.90 0.77 -17.57
C GLU A 145 10.39 -0.29 -17.44
N ASN A 146 9.07 -0.19 -17.25
N ASN A 146 9.45 0.69 -17.36
CA ASN A 146 7.68 0.10 -16.99
CA ASN A 146 8.08 0.36 -17.07
C ASN A 146 7.37 -0.27 -15.56
C ASN A 146 7.82 -0.45 -15.78
N LYS A 147 8.24 0.12 -14.67
CA LYS A 147 8.14 -0.46 -13.35
C LYS A 147 7.42 0.45 -12.38
N VAL A 148 6.69 -0.16 -11.45
CA VAL A 148 6.11 0.53 -10.33
C VAL A 148 6.76 -0.01 -9.08
N TYR A 149 7.17 0.86 -8.16
CA TYR A 149 7.88 0.45 -6.95
C TYR A 149 6.89 0.46 -5.79
N ILE A 150 6.74 -0.69 -5.14
CA ILE A 150 5.76 -0.84 -4.07
C ILE A 150 6.43 -1.34 -2.81
N GLY A 151 6.21 -0.65 -1.71
CA GLY A 151 6.86 -0.97 -0.46
C GLY A 151 6.22 -2.06 0.35
N ARG A 152 6.78 -2.32 1.53
CA ARG A 152 6.17 -3.18 2.53
C ARG A 152 5.36 -2.27 3.48
N PRO A 153 4.53 -2.86 4.35
CA PRO A 153 3.85 -2.04 5.34
C PRO A 153 4.82 -1.38 6.28
N ILE A 154 4.67 -0.07 6.50
CA ILE A 154 5.56 0.71 7.34
C ILE A 154 4.78 1.66 8.19
N LYS A 155 5.40 2.14 9.27
N LYS A 155 5.39 2.17 9.26
CA LYS A 155 4.86 3.23 10.05
CA LYS A 155 4.79 3.23 10.04
C LYS A 155 5.22 4.56 9.38
C LYS A 155 5.23 4.59 9.52
N MET A 156 4.26 5.47 9.31
CA MET A 156 4.54 6.83 8.83
C MET A 156 3.89 7.83 9.78
N ASN A 157 4.37 9.06 9.72
CA ASN A 157 3.79 10.16 10.49
C ASN A 157 4.01 11.42 9.71
N LEU A 158 2.97 11.90 9.05
CA LEU A 158 3.09 13.09 8.17
C LEU A 158 2.36 14.30 8.69
N GLU A 159 1.39 14.11 9.58
CA GLU A 159 0.59 15.23 10.09
C GLU A 159 0.49 15.26 11.60
N GLY A 160 1.28 14.46 12.29
CA GLY A 160 1.33 14.45 13.73
C GLY A 160 1.03 13.12 14.38
N GLN A 161 0.21 12.29 13.71
CA GLN A 161 -0.15 11.00 14.27
C GLN A 161 0.38 9.88 13.42
N ASP A 162 0.82 8.82 14.06
CA ASP A 162 1.32 7.63 13.38
C ASP A 162 0.21 6.92 12.63
N PHE A 163 0.55 6.34 11.48
CA PHE A 163 -0.35 5.44 10.79
C PHE A 163 0.43 4.36 10.05
N ASP A 164 -0.23 3.26 9.74
CA ASP A 164 0.35 2.16 9.00
C ASP A 164 0.05 2.29 7.52
N ALA A 165 1.06 2.15 6.70
CA ALA A 165 0.98 2.58 5.32
C ALA A 165 1.71 1.68 4.37
N VAL A 166 1.36 1.78 3.08
CA VAL A 166 2.19 1.26 2.02
C VAL A 166 2.35 2.34 0.95
N ASN A 167 3.52 2.38 0.33
CA ASN A 167 3.82 3.37 -0.66
C ASN A 167 3.96 2.78 -2.05
N VAL A 168 3.53 3.55 -3.04
CA VAL A 168 3.57 3.20 -4.44
C VAL A 168 4.23 4.36 -5.13
N ALA A 169 5.25 4.12 -5.94
CA ALA A 169 6.02 5.23 -6.54
C ALA A 169 6.62 4.88 -7.87
N ILE A 170 6.81 5.92 -8.69
CA ILE A 170 7.34 5.77 -10.05
C ILE A 170 8.34 6.90 -10.32
N PRO A 171 9.47 6.61 -10.97
CA PRO A 171 10.43 7.66 -11.38
C PRO A 171 9.87 8.60 -12.43
N ILE A 172 10.34 9.84 -12.43
N ILE A 172 10.39 9.83 -12.40
CA ILE A 172 10.17 10.69 -13.59
CA ILE A 172 10.26 10.86 -13.43
C ILE A 172 11.53 11.07 -14.12
C ILE A 172 11.59 11.01 -14.11
N PHE A 173 11.59 11.17 -15.44
CA PHE A 173 12.84 11.30 -16.19
C PHE A 173 12.92 12.58 -17.01
N ASP A 174 14.13 13.02 -17.29
CA ASP A 174 14.34 14.12 -18.22
C ASP A 174 14.81 13.57 -19.59
N ARG A 175 15.17 14.46 -20.51
CA ARG A 175 15.53 14.07 -21.88
C ARG A 175 16.90 13.40 -21.93
N LYS A 176 17.68 13.50 -20.85
CA LYS A 176 18.96 12.80 -20.81
C LYS A 176 18.76 11.41 -20.18
N ASN A 177 17.51 11.00 -20.05
CA ASN A 177 17.15 9.66 -19.58
C ASN A 177 17.58 9.43 -18.16
N GLN A 178 17.66 10.51 -17.37
CA GLN A 178 18.06 10.46 -15.99
C GLN A 178 16.86 10.62 -15.08
N VAL A 179 16.88 9.96 -13.93
CA VAL A 179 15.87 10.16 -12.93
C VAL A 179 16.01 11.56 -12.35
N VAL A 180 14.94 12.35 -12.42
CA VAL A 180 14.95 13.69 -11.86
C VAL A 180 14.01 13.82 -10.70
N GLY A 181 13.24 12.76 -10.40
CA GLY A 181 12.32 12.83 -9.31
C GLY A 181 11.49 11.58 -9.17
N VAL A 182 10.56 11.61 -8.22
CA VAL A 182 9.70 10.47 -7.92
C VAL A 182 8.31 10.99 -7.65
N ILE A 183 7.31 10.42 -8.31
CA ILE A 183 5.91 10.72 -7.99
C ILE A 183 5.32 9.48 -7.31
N GLY A 184 4.76 9.65 -6.13
CA GLY A 184 4.24 8.52 -5.40
C GLY A 184 2.99 8.80 -4.63
N MET A 185 2.45 7.75 -4.04
CA MET A 185 1.24 7.79 -3.27
C MET A 185 1.37 6.92 -2.01
N THR A 186 0.65 7.31 -0.98
CA THR A 186 0.59 6.58 0.27
C THR A 186 -0.82 6.12 0.52
N LEU A 187 -1.00 4.82 0.78
CA LEU A 187 -2.25 4.25 1.24
C LEU A 187 -2.15 4.01 2.74
N ASP A 188 -3.09 4.58 3.48
CA ASP A 188 -3.24 4.32 4.90
C ASP A 188 -4.08 3.06 5.08
N PHE A 189 -3.52 2.02 5.71
CA PHE A 189 -4.24 0.76 5.82
C PHE A 189 -5.52 0.86 6.65
N SER A 190 -5.71 1.94 7.40
N SER A 190 -5.71 1.94 7.40
CA SER A 190 -6.98 2.15 8.08
CA SER A 190 -6.99 2.15 8.09
C SER A 190 -8.13 2.08 7.10
C SER A 190 -8.14 2.10 7.11
N ASP A 191 -7.93 2.56 5.89
CA ASP A 191 -8.98 2.58 4.89
C ASP A 191 -9.31 1.21 4.32
N ILE A 192 -8.36 0.30 4.39
N ILE A 192 -8.37 0.29 4.37
CA ILE A 192 -8.60 -1.08 4.01
CA ILE A 192 -8.68 -1.09 3.99
C ILE A 192 -9.24 -1.81 5.19
C ILE A 192 -9.25 -1.83 5.20
N ALA A 193 -8.79 -1.51 6.39
CA ALA A 193 -9.33 -2.10 7.60
C ALA A 193 -10.84 -1.81 7.76
N THR A 194 -11.28 -0.68 7.22
CA THR A 194 -12.70 -0.32 7.24
C THR A 194 -13.56 -1.46 6.72
N TYR A 195 -13.13 -2.15 5.67
CA TYR A 195 -13.91 -3.30 5.21
C TYR A 195 -13.35 -4.62 5.72
N LEU A 196 -12.02 -4.76 5.82
CA LEU A 196 -11.45 -6.04 6.18
C LEU A 196 -11.79 -6.42 7.62
N LEU A 197 -11.93 -5.43 8.50
CA LEU A 197 -12.27 -5.66 9.90
C LEU A 197 -13.67 -5.16 10.28
N ASP A 198 -14.53 -4.97 9.29
CA ASP A 198 -15.89 -4.55 9.59
C ASP A 198 -16.54 -5.62 10.48
N PRO A 199 -17.04 -5.23 11.69
CA PRO A 199 -17.68 -6.24 12.53
C PRO A 199 -18.89 -6.88 11.89
N LYS A 200 -19.51 -6.18 10.94
N LYS A 200 -19.52 -6.19 10.93
CA LYS A 200 -20.65 -6.76 10.23
CA LYS A 200 -20.66 -6.77 10.23
C LYS A 200 -20.23 -7.97 9.44
C LYS A 200 -20.24 -7.95 9.39
N GLY A 201 -18.94 -8.04 9.11
CA GLY A 201 -18.39 -9.19 8.36
C GLY A 201 -17.84 -10.31 9.19
N GLN A 202 -17.92 -10.20 10.52
CA GLN A 202 -17.40 -11.27 11.41
C GLN A 202 -18.35 -12.45 11.42
N LYS A 203 -17.97 -13.54 10.83
CA LYS A 203 -18.87 -14.69 10.70
C LYS A 203 -18.67 -15.68 11.82
N TYR A 204 -17.46 -15.82 12.31
CA TYR A 204 -17.17 -16.80 13.35
C TYR A 204 -16.57 -16.13 14.58
N ASP A 205 -16.88 -16.67 15.75
N ASP A 205 -16.89 -16.69 15.74
CA ASP A 205 -16.27 -16.15 16.96
CA ASP A 205 -16.26 -16.24 16.97
C ASP A 205 -14.76 -16.43 16.92
C ASP A 205 -14.75 -16.44 16.86
N GLY A 206 -13.99 -15.38 17.11
CA GLY A 206 -12.56 -15.47 17.06
C GLY A 206 -11.96 -15.47 15.69
N GLU A 207 -12.77 -15.23 14.65
CA GLU A 207 -12.28 -15.14 13.29
C GLU A 207 -11.21 -14.04 13.19
N LEU A 208 -10.09 -14.34 12.55
CA LEU A 208 -9.03 -13.37 12.28
C LEU A 208 -9.04 -13.06 10.80
N ARG A 209 -9.01 -11.77 10.45
CA ARG A 209 -8.92 -11.29 9.08
C ARG A 209 -7.66 -10.47 8.95
N VAL A 210 -6.76 -10.89 8.07
CA VAL A 210 -5.38 -10.42 8.02
C VAL A 210 -4.99 -10.12 6.60
N LEU A 211 -4.32 -8.97 6.39
CA LEU A 211 -3.67 -8.64 5.12
C LEU A 211 -2.17 -8.61 5.37
N LEU A 212 -1.41 -9.34 4.57
CA LEU A 212 0.03 -9.36 4.75
C LEU A 212 0.71 -9.48 3.41
N ASN A 213 1.99 -9.12 3.34
CA ASN A 213 2.68 -9.34 2.07
C ASN A 213 3.25 -10.77 2.05
N SER A 214 3.78 -11.22 0.93
CA SER A 214 4.17 -12.62 0.81
C SER A 214 5.35 -12.96 1.73
N ASP A 215 6.12 -11.95 2.14
CA ASP A 215 7.21 -12.13 3.08
C ASP A 215 6.74 -12.35 4.50
N GLY A 216 5.45 -12.09 4.75
CA GLY A 216 4.88 -12.29 6.06
C GLY A 216 4.58 -11.05 6.87
N PHE A 217 4.93 -9.86 6.35
CA PHE A 217 4.74 -8.64 7.09
C PHE A 217 3.29 -8.18 7.06
N MET A 218 2.69 -8.01 8.23
CA MET A 218 1.29 -7.72 8.34
C MET A 218 0.95 -6.25 8.17
N ALA A 219 -0.01 -5.99 7.30
CA ALA A 219 -0.58 -4.67 7.08
C ALA A 219 -1.78 -4.43 7.98
N ILE A 220 -2.57 -5.48 8.18
CA ILE A 220 -3.79 -5.45 8.96
C ILE A 220 -3.90 -6.73 9.76
N HIS A 221 -4.17 -6.61 11.06
CA HIS A 221 -4.47 -7.72 11.94
C HIS A 221 -5.44 -7.18 12.98
N PRO A 222 -6.40 -8.00 13.43
CA PRO A 222 -7.30 -7.54 14.51
C PRO A 222 -6.55 -7.03 15.73
N ASN A 223 -5.45 -7.66 16.05
CA ASN A 223 -4.59 -7.21 17.14
C ASN A 223 -3.66 -6.14 16.59
N LYS A 224 -3.96 -4.88 16.93
CA LYS A 224 -3.21 -3.77 16.36
C LYS A 224 -1.74 -3.88 16.69
N ASN A 225 -1.39 -4.51 17.81
CA ASN A 225 -0.01 -4.70 18.19
C ASN A 225 0.81 -5.56 17.26
N LEU A 226 0.14 -6.33 16.40
CA LEU A 226 0.83 -7.22 15.49
C LEU A 226 1.08 -6.56 14.13
N VAL A 227 0.43 -5.44 13.88
CA VAL A 227 0.61 -4.76 12.59
C VAL A 227 2.07 -4.35 12.44
N LEU A 228 2.59 -4.57 11.21
CA LEU A 228 3.99 -4.37 10.79
C LEU A 228 4.92 -5.49 11.15
N LYS A 229 4.50 -6.39 12.05
CA LYS A 229 5.33 -7.50 12.41
C LYS A 229 5.24 -8.61 11.38
N ASN A 230 6.22 -9.52 11.41
CA ASN A 230 6.16 -10.69 10.57
C ASN A 230 5.44 -11.81 11.27
N LEU A 231 4.38 -12.31 10.65
CA LEU A 231 3.54 -13.34 11.26
C LEU A 231 4.39 -14.57 11.59
N LYS A 232 5.40 -14.85 10.78
CA LYS A 232 6.24 -16.02 11.02
C LYS A 232 7.07 -15.91 12.29
N ASP A 233 7.42 -14.68 12.66
CA ASP A 233 8.19 -14.44 13.87
C ASP A 233 7.37 -14.56 15.14
N ILE A 234 6.12 -14.07 15.07
CA ILE A 234 5.28 -14.02 16.25
C ILE A 234 4.45 -15.27 16.44
N ASN A 235 4.38 -16.10 15.42
CA ASN A 235 3.61 -17.36 15.49
C ASN A 235 4.42 -18.49 14.85
N PRO A 236 5.50 -18.93 15.51
CA PRO A 236 6.42 -19.87 14.88
C PRO A 236 6.03 -21.35 14.97
N ASN A 237 4.89 -21.65 15.58
CA ASN A 237 4.58 -23.04 15.85
C ASN A 237 4.47 -23.89 14.58
N LYS A 238 4.77 -25.17 14.69
CA LYS A 238 4.81 -26.07 13.55
C LYS A 238 3.44 -26.15 12.85
N GLY A 239 2.36 -25.97 13.63
CA GLY A 239 1.02 -26.04 13.08
C GLY A 239 0.60 -24.84 12.25
N ALA A 240 1.52 -23.87 12.08
CA ALA A 240 1.25 -22.69 11.27
C ALA A 240 2.04 -22.74 9.95
N GLN A 241 3.02 -23.62 9.88
CA GLN A 241 4.00 -23.55 8.83
C GLN A 241 3.46 -23.88 7.44
N GLU A 242 2.48 -24.77 7.34
CA GLU A 242 1.91 -25.10 6.05
C GLU A 242 1.28 -23.85 5.42
N THR A 243 0.59 -23.09 6.23
CA THR A 243 -0.05 -21.85 5.77
C THR A 243 1.01 -20.86 5.31
N TYR A 244 2.09 -20.74 6.09
CA TYR A 244 3.15 -19.81 5.72
C TYR A 244 3.80 -20.16 4.39
N LYS A 245 3.92 -21.45 4.12
CA LYS A 245 4.49 -21.88 2.85
C LYS A 245 3.62 -21.41 1.68
N ALA A 246 2.30 -21.52 1.82
CA ALA A 246 1.40 -21.05 0.79
C ALA A 246 1.54 -19.56 0.54
N ILE A 247 1.65 -18.81 1.64
CA ILE A 247 1.85 -17.36 1.52
C ILE A 247 3.13 -17.06 0.81
N SER A 248 4.22 -17.74 1.22
N SER A 248 4.22 -17.73 1.23
CA SER A 248 5.54 -17.44 0.67
CA SER A 248 5.54 -17.47 0.69
C SER A 248 5.59 -17.74 -0.83
C SER A 248 5.59 -17.74 -0.82
N GLU A 249 4.81 -18.72 -1.24
CA GLU A 249 4.79 -19.15 -2.62
C GLU A 249 3.71 -18.48 -3.47
N GLY A 250 2.92 -17.61 -2.86
CA GLY A 250 1.91 -16.89 -3.59
C GLY A 250 0.76 -17.76 -4.06
N LYS A 251 0.42 -18.78 -3.26
CA LYS A 251 -0.61 -19.73 -3.61
C LYS A 251 -1.90 -19.51 -2.85
N ASN A 252 -2.96 -20.19 -3.29
CA ASN A 252 -4.23 -20.18 -2.58
C ASN A 252 -4.44 -21.52 -1.91
N GLY A 253 -5.23 -21.56 -0.86
CA GLY A 253 -5.61 -22.84 -0.28
C GLY A 253 -6.27 -22.68 1.06
N VAL A 254 -6.75 -23.78 1.63
N VAL A 254 -6.74 -23.79 1.61
CA VAL A 254 -7.32 -23.80 2.96
CA VAL A 254 -7.33 -23.89 2.92
C VAL A 254 -6.66 -24.88 3.79
C VAL A 254 -6.46 -24.83 3.71
N PHE A 255 -6.22 -24.50 4.98
CA PHE A 255 -5.33 -25.28 5.78
C PHE A 255 -5.80 -25.42 7.22
N ASN A 256 -5.37 -26.47 7.87
CA ASN A 256 -5.37 -26.50 9.33
C ASN A 256 -4.30 -25.54 9.80
N TYR A 257 -4.59 -24.75 10.82
CA TYR A 257 -3.72 -23.66 11.23
C TYR A 257 -3.87 -23.37 12.70
N ILE A 258 -2.75 -23.28 13.40
N ILE A 258 -2.74 -23.27 13.41
CA ILE A 258 -2.73 -22.88 14.80
CA ILE A 258 -2.76 -22.88 14.80
C ILE A 258 -2.36 -21.40 14.84
C ILE A 258 -2.36 -21.41 14.89
N ALA A 259 -3.30 -20.57 15.29
CA ALA A 259 -3.11 -19.12 15.25
C ALA A 259 -2.24 -18.63 16.39
N SER A 260 -1.80 -17.37 16.29
CA SER A 260 -0.90 -16.79 17.26
C SER A 260 -1.54 -16.69 18.65
N ASP A 261 -2.87 -16.63 18.71
CA ASP A 261 -3.59 -16.62 20.01
C ASP A 261 -3.81 -18.04 20.54
N GLY A 262 -3.26 -19.06 19.85
CA GLY A 262 -3.37 -20.44 20.27
C GLY A 262 -4.53 -21.23 19.69
N ASP A 263 -5.43 -20.56 18.99
CA ASP A 263 -6.63 -21.21 18.52
C ASP A 263 -6.34 -22.15 17.35
N ASP A 264 -6.72 -23.41 17.52
CA ASP A 264 -6.68 -24.39 16.46
C ASP A 264 -7.79 -24.07 15.46
N SER A 265 -7.43 -23.81 14.21
CA SER A 265 -8.32 -23.16 13.27
C SER A 265 -8.30 -23.81 11.89
N TYR A 266 -9.32 -23.47 11.09
CA TYR A 266 -9.22 -23.54 9.65
C TYR A 266 -8.76 -22.18 9.17
N ALA A 267 -7.89 -22.15 8.16
CA ALA A 267 -7.39 -20.88 7.60
C ALA A 267 -7.40 -20.93 6.11
N ALA A 268 -7.92 -19.89 5.47
CA ALA A 268 -7.81 -19.78 4.04
C ALA A 268 -6.85 -18.67 3.66
N ILE A 269 -6.14 -18.88 2.57
CA ILE A 269 -5.24 -17.90 1.98
C ILE A 269 -5.70 -17.63 0.57
N ASN A 270 -5.75 -16.35 0.20
CA ASN A 270 -5.89 -15.98 -1.20
C ASN A 270 -4.76 -15.01 -1.51
N SER A 271 -3.86 -15.43 -2.37
CA SER A 271 -2.69 -14.68 -2.75
C SER A 271 -2.91 -13.94 -4.04
N PHE A 272 -2.36 -12.72 -4.12
CA PHE A 272 -2.48 -11.92 -5.31
C PHE A 272 -1.22 -11.08 -5.55
N LYS A 273 -0.98 -10.74 -6.80
CA LYS A 273 0.15 -9.93 -7.16
C LYS A 273 -0.32 -8.55 -7.50
N VAL A 274 0.52 -7.58 -7.17
CA VAL A 274 0.31 -6.21 -7.52
C VAL A 274 1.62 -5.72 -8.08
N GLN A 275 1.68 -5.58 -9.42
CA GLN A 275 2.93 -5.27 -10.11
C GLN A 275 3.98 -6.28 -9.66
N ASP A 276 5.07 -5.82 -9.07
CA ASP A 276 6.15 -6.75 -8.65
C ASP A 276 6.03 -7.11 -7.17
N SER A 277 4.95 -6.68 -6.51
CA SER A 277 4.73 -7.03 -5.11
C SER A 277 3.73 -8.16 -4.99
N SER A 278 3.72 -8.82 -3.85
CA SER A 278 2.89 -10.00 -3.62
C SER A 278 2.25 -9.91 -2.29
N TRP A 279 0.94 -10.16 -2.22
CA TRP A 279 0.15 -10.01 -1.04
C TRP A 279 -0.75 -11.19 -0.81
N ALA A 280 -1.28 -11.32 0.40
CA ALA A 280 -2.26 -12.35 0.68
C ALA A 280 -3.26 -11.87 1.70
N VAL A 281 -4.50 -12.32 1.55
CA VAL A 281 -5.48 -12.23 2.60
C VAL A 281 -5.56 -13.58 3.28
N LEU A 282 -5.47 -13.57 4.60
N LEU A 282 -5.47 -13.59 4.61
CA LEU A 282 -5.59 -14.74 5.47
CA LEU A 282 -5.59 -14.77 5.46
C LEU A 282 -6.83 -14.54 6.30
C LEU A 282 -6.79 -14.59 6.34
N VAL A 283 -7.71 -15.55 6.34
CA VAL A 283 -8.88 -15.51 7.19
C VAL A 283 -9.01 -16.84 7.92
N THR A 284 -9.24 -16.79 9.22
CA THR A 284 -9.36 -17.98 10.04
C THR A 284 -10.73 -18.16 10.63
N ALA A 285 -11.02 -19.41 11.01
CA ALA A 285 -12.18 -19.79 11.81
C ALA A 285 -11.71 -20.80 12.83
N PRO A 286 -11.69 -20.43 14.14
CA PRO A 286 -11.36 -21.46 15.16
C PRO A 286 -12.26 -22.65 15.03
N LYS A 287 -11.70 -23.85 15.10
CA LYS A 287 -12.51 -25.07 14.91
C LYS A 287 -13.59 -25.17 15.94
N TYR A 288 -13.28 -24.79 17.18
CA TYR A 288 -14.29 -24.87 18.24
C TYR A 288 -15.47 -23.93 17.93
N SER A 289 -15.19 -22.76 17.31
CA SER A 289 -16.24 -21.82 16.98
C SER A 289 -17.14 -22.36 15.87
N VAL A 290 -16.55 -23.12 14.96
CA VAL A 290 -17.21 -23.66 13.78
C VAL A 290 -18.18 -24.75 14.20
N PHE A 291 -17.83 -25.55 15.20
CA PHE A 291 -18.61 -26.66 15.64
C PHE A 291 -19.53 -26.37 16.80
N LYS A 292 -19.27 -25.30 17.53
CA LYS A 292 -20.15 -24.86 18.62
C LYS A 292 -20.23 -23.38 18.59
N PRO A 293 -20.83 -22.85 17.53
CA PRO A 293 -20.97 -21.41 17.39
C PRO A 293 -21.90 -20.83 18.47
N LEU A 294 -21.62 -19.61 18.95
CA LEU A 294 -22.48 -19.01 19.94
C LEU A 294 -23.61 -18.23 19.30
N LYS A 295 -24.78 -18.30 19.92
CA LYS A 295 -25.89 -17.45 19.55
C LYS A 295 -25.54 -16.00 19.94
N LYS A 296 -25.41 -15.13 18.93
CA LYS A 296 -25.14 -13.70 19.20
C LYS A 296 -26.19 -12.76 18.61
C ACT B . -2.65 -15.12 13.46
O ACT B . -2.70 -14.30 14.42
OXT ACT B . -2.19 -16.27 13.69
CH3 ACT B . -3.08 -14.72 12.09
CL CL C . 8.55 2.40 1.18
#